data_3B1F
#
_entry.id   3B1F
#
_cell.length_a   79.340
_cell.length_b   145.624
_cell.length_c   77.552
_cell.angle_alpha   90.00
_cell.angle_beta   90.00
_cell.angle_gamma   90.00
#
_symmetry.space_group_name_H-M   'C 2 2 21'
#
loop_
_entity.id
_entity.type
_entity.pdbx_description
1 polymer 'Putative prephenate dehydrogenase'
2 non-polymer NICOTINAMIDE-ADENINE-DINUCLEOTIDE
3 water water
#
_entity_poly.entity_id   1
_entity_poly.type   'polypeptide(L)'
_entity_poly.pdbx_seq_one_letter_code
;AAA(MSE)EEKTIYIAGLGLIGASLALGIKRDHPHYKIVGYNRSDRSRDIALERGIVDEATADFKVFAALADVIILAVPI
KKTIDFIKILADLDLKEDVIITDAGSTKYEIVRAAEYYLKDKPVQFVGSHP(MSE)AGSHKSGAVAANVNLFENAYYIFS
PSCLTKPNTIPALQDLLSGLHARYVEIDAAEHDCVTSQISHFPHIIASSL(MSE)KQAGDFSESHE(MSE)TKHFAAGGF
RD(MSE)TRIAESEPG(MSE)WTSILLTNQEAVLDRIENFKQRLDEVSNLIKARDENAIWAFFNQSRQIRKN(MSE)E
;
_entity_poly.pdbx_strand_id   A
#
# COMPACT_ATOMS: atom_id res chain seq x y z
N ALA A 1 -25.47 21.84 6.93
CA ALA A 1 -26.26 20.63 6.58
C ALA A 1 -25.37 19.37 6.52
N ALA A 2 -24.15 19.43 7.10
CA ALA A 2 -23.25 18.28 7.08
C ALA A 2 -23.86 17.08 7.87
N ALA A 3 -24.54 17.38 8.99
CA ALA A 3 -25.56 16.54 9.64
C ALA A 3 -26.38 15.69 8.60
N GLU A 5 -25.85 15.08 5.21
CA GLU A 5 -25.27 14.38 4.03
C GLU A 5 -25.46 12.86 4.08
N GLU A 6 -25.89 12.28 2.98
CA GLU A 6 -26.08 10.83 2.87
C GLU A 6 -25.01 10.32 1.93
N LYS A 7 -24.45 9.14 2.22
CA LYS A 7 -23.51 8.52 1.28
C LYS A 7 -23.45 7.02 1.52
N THR A 8 -23.29 6.26 0.45
CA THR A 8 -23.04 4.81 0.58
C THR A 8 -21.66 4.54 0.04
N ILE A 9 -20.83 3.95 0.89
CA ILE A 9 -19.46 3.70 0.59
C ILE A 9 -19.39 2.18 0.55
N TYR A 10 -18.84 1.67 -0.54
CA TYR A 10 -18.68 0.24 -0.68
C TYR A 10 -17.20 -0.10 -0.57
N ILE A 11 -16.83 -0.88 0.42
CA ILE A 11 -15.44 -1.27 0.60
C ILE A 11 -15.36 -2.75 0.28
N ALA A 12 -14.51 -3.09 -0.70
CA ALA A 12 -14.35 -4.49 -1.11
C ALA A 12 -13.07 -4.99 -0.50
N GLY A 13 -13.15 -5.95 0.42
CA GLY A 13 -11.98 -6.42 1.15
C GLY A 13 -11.99 -5.84 2.54
N LEU A 14 -12.28 -6.68 3.53
CA LEU A 14 -12.44 -6.23 4.91
C LEU A 14 -11.32 -6.80 5.77
N GLY A 15 -10.12 -6.80 5.22
CA GLY A 15 -8.89 -7.12 6.00
C GLY A 15 -8.54 -5.95 6.89
N LEU A 16 -7.30 -5.86 7.30
CA LEU A 16 -6.80 -4.78 8.12
C LEU A 16 -7.05 -3.36 7.54
N ILE A 17 -6.65 -3.18 6.29
CA ILE A 17 -6.77 -1.93 5.60
C ILE A 17 -8.24 -1.57 5.34
N GLY A 18 -9.02 -2.46 4.73
CA GLY A 18 -10.39 -2.10 4.33
C GLY A 18 -11.24 -1.75 5.56
N ALA A 19 -11.16 -2.62 6.57
CA ALA A 19 -11.87 -2.43 7.84
C ALA A 19 -11.44 -1.21 8.63
N SER A 20 -10.15 -0.93 8.69
CA SER A 20 -9.64 0.28 9.34
C SER A 20 -10.11 1.53 8.63
N LEU A 21 -10.10 1.50 7.29
CA LEU A 21 -10.66 2.59 6.53
C LEU A 21 -12.15 2.81 6.87
N ALA A 22 -12.93 1.72 6.95
CA ALA A 22 -14.33 1.80 7.31
C ALA A 22 -14.50 2.51 8.63
N LEU A 23 -13.69 2.12 9.62
CA LEU A 23 -13.70 2.76 10.95
C LEU A 23 -13.35 4.25 10.84
N GLY A 24 -12.32 4.62 10.06
CA GLY A 24 -12.00 6.03 9.86
C GLY A 24 -13.08 6.87 9.17
N ILE A 25 -13.80 6.24 8.25
CA ILE A 25 -14.95 6.91 7.63
C ILE A 25 -16.09 7.22 8.65
N LYS A 26 -16.51 6.18 9.34
CA LYS A 26 -17.58 6.31 10.32
C LYS A 26 -17.19 7.30 11.41
N ARG A 27 -15.90 7.39 11.72
CA ARG A 27 -15.49 8.36 12.74
C ARG A 27 -15.90 9.81 12.44
N ASP A 28 -15.80 10.24 11.17
CA ASP A 28 -16.16 11.62 10.87
C ASP A 28 -17.51 11.75 10.19
N HIS A 29 -18.01 10.63 9.66
CA HIS A 29 -19.32 10.63 9.02
C HIS A 29 -20.17 9.49 9.55
N PRO A 30 -20.76 9.68 10.73
CA PRO A 30 -21.46 8.60 11.44
C PRO A 30 -22.70 8.14 10.69
N HIS A 31 -23.23 8.98 9.82
CA HIS A 31 -24.45 8.65 9.10
C HIS A 31 -24.24 8.07 7.72
N TYR A 32 -23.01 8.02 7.25
CA TYR A 32 -22.77 7.38 5.98
C TYR A 32 -23.07 5.88 6.15
N LYS A 33 -23.63 5.24 5.13
CA LYS A 33 -23.82 3.81 5.17
C LYS A 33 -22.55 3.18 4.60
N ILE A 34 -22.02 2.15 5.27
CA ILE A 34 -20.89 1.41 4.74
C ILE A 34 -21.34 -0.04 4.44
N VAL A 35 -21.11 -0.44 3.19
CA VAL A 35 -21.42 -1.81 2.77
C VAL A 35 -20.12 -2.52 2.39
N GLY A 36 -20.02 -3.81 2.73
CA GLY A 36 -18.73 -4.50 2.63
C GLY A 36 -18.76 -5.75 1.78
N TYR A 37 -17.69 -5.97 1.00
CA TYR A 37 -17.44 -7.28 0.41
C TYR A 37 -16.30 -7.95 1.10
N ASN A 38 -16.42 -9.26 1.38
CA ASN A 38 -15.26 -10.06 1.74
C ASN A 38 -15.42 -11.55 1.36
N ARG A 39 -14.35 -12.14 0.82
CA ARG A 39 -14.39 -13.54 0.35
C ARG A 39 -14.58 -14.48 1.54
N SER A 40 -13.56 -14.62 2.40
CA SER A 40 -13.63 -15.55 3.54
C SER A 40 -14.63 -15.06 4.58
N ASP A 41 -15.31 -16.05 5.18
CA ASP A 41 -16.40 -15.83 6.13
C ASP A 41 -15.96 -15.11 7.41
N ARG A 42 -14.77 -15.44 7.89
CA ARG A 42 -14.32 -14.94 9.18
C ARG A 42 -14.25 -13.40 9.26
N SER A 43 -13.45 -12.77 8.39
CA SER A 43 -13.29 -11.31 8.38
C SER A 43 -14.59 -10.56 8.13
N ARG A 44 -15.49 -11.18 7.36
CA ARG A 44 -16.80 -10.62 7.08
C ARG A 44 -17.69 -10.60 8.34
N ASP A 45 -17.65 -11.67 9.14
CA ASP A 45 -18.51 -11.75 10.36
C ASP A 45 -18.00 -10.74 11.42
N ILE A 46 -16.71 -10.73 11.66
CA ILE A 46 -16.16 -9.74 12.58
C ILE A 46 -16.66 -8.37 12.17
N ALA A 47 -16.49 -8.04 10.90
CA ALA A 47 -16.87 -6.72 10.40
C ALA A 47 -18.33 -6.42 10.73
N LEU A 48 -19.21 -7.37 10.47
CA LEU A 48 -20.64 -7.17 10.75
C LEU A 48 -20.89 -6.95 12.25
N GLU A 49 -20.10 -7.66 13.07
CA GLU A 49 -20.17 -7.73 14.56
C GLU A 49 -19.92 -6.43 15.31
N ARG A 50 -18.88 -5.75 14.87
CA ARG A 50 -18.31 -4.60 15.51
C ARG A 50 -18.87 -3.34 14.85
N GLY A 51 -20.03 -3.46 14.20
CA GLY A 51 -20.60 -2.38 13.41
C GLY A 51 -19.57 -1.65 12.54
N ILE A 52 -18.53 -2.35 12.07
CA ILE A 52 -17.58 -1.72 11.15
C ILE A 52 -18.22 -1.45 9.79
N VAL A 53 -19.09 -2.37 9.34
CA VAL A 53 -19.88 -2.18 8.11
C VAL A 53 -21.31 -2.49 8.50
N ASP A 54 -22.27 -1.91 7.78
CA ASP A 54 -23.75 -2.06 8.02
C ASP A 54 -24.36 -3.25 7.27
N GLU A 55 -23.79 -3.62 6.13
CA GLU A 55 -24.20 -4.81 5.40
C GLU A 55 -22.96 -5.41 4.78
N ALA A 56 -22.99 -6.70 4.51
CA ALA A 56 -21.85 -7.39 3.94
C ALA A 56 -22.26 -8.54 3.01
N THR A 57 -21.36 -8.87 2.07
CA THR A 57 -21.63 -9.86 1.01
C THR A 57 -20.37 -10.66 0.65
N ALA A 58 -20.54 -11.86 0.09
CA ALA A 58 -19.44 -12.58 -0.56
C ALA A 58 -19.58 -12.53 -2.08
N ASP A 59 -20.53 -11.73 -2.57
CA ASP A 59 -20.66 -11.50 -4.00
C ASP A 59 -20.29 -10.04 -4.31
N PHE A 60 -19.11 -9.86 -4.90
CA PHE A 60 -18.61 -8.53 -5.25
C PHE A 60 -19.60 -7.60 -5.98
N LYS A 61 -20.45 -8.16 -6.83
CA LYS A 61 -21.29 -7.33 -7.71
C LYS A 61 -22.45 -6.72 -6.93
N VAL A 62 -22.78 -7.37 -5.80
CA VAL A 62 -24.07 -7.17 -5.15
C VAL A 62 -24.28 -5.70 -4.72
N PHE A 63 -23.22 -5.07 -4.24
CA PHE A 63 -23.30 -3.68 -3.77
C PHE A 63 -22.78 -2.63 -4.79
N ALA A 64 -22.20 -3.06 -5.90
CA ALA A 64 -21.50 -2.14 -6.81
C ALA A 64 -22.32 -0.95 -7.32
N ALA A 65 -23.53 -1.22 -7.82
CA ALA A 65 -24.35 -0.21 -8.53
C ALA A 65 -24.90 0.90 -7.60
N LEU A 66 -25.03 0.55 -6.32
CA LEU A 66 -25.55 1.40 -5.24
C LEU A 66 -24.55 2.40 -4.62
N ALA A 67 -23.26 2.17 -4.85
CA ALA A 67 -22.23 2.88 -4.10
C ALA A 67 -22.01 4.28 -4.68
N ASP A 68 -21.79 5.27 -3.81
CA ASP A 68 -21.36 6.59 -4.25
C ASP A 68 -19.82 6.59 -4.36
N VAL A 69 -19.20 5.70 -3.57
CA VAL A 69 -17.72 5.60 -3.53
C VAL A 69 -17.43 4.13 -3.37
N ILE A 70 -16.48 3.62 -4.14
CA ILE A 70 -16.04 2.24 -4.01
C ILE A 70 -14.54 2.27 -3.76
N ILE A 71 -14.13 1.59 -2.69
CA ILE A 71 -12.72 1.49 -2.32
C ILE A 71 -12.34 0.00 -2.41
N LEU A 72 -11.31 -0.29 -3.19
CA LEU A 72 -10.90 -1.69 -3.41
C LEU A 72 -9.71 -1.96 -2.51
N ALA A 73 -9.95 -2.70 -1.43
CA ALA A 73 -8.88 -2.98 -0.44
C ALA A 73 -8.53 -4.49 -0.41
N VAL A 74 -8.38 -5.10 -1.59
CA VAL A 74 -7.99 -6.49 -1.73
C VAL A 74 -6.59 -6.48 -2.29
N PRO A 75 -5.92 -7.67 -2.48
CA PRO A 75 -4.52 -7.49 -2.99
C PRO A 75 -4.45 -6.91 -4.41
N ILE A 76 -3.22 -6.65 -4.82
CA ILE A 76 -2.98 -5.86 -6.01
C ILE A 76 -3.61 -6.52 -7.23
N LYS A 77 -3.46 -7.85 -7.38
CA LYS A 77 -4.02 -8.52 -8.57
C LYS A 77 -5.50 -8.59 -8.53
N LYS A 78 -6.06 -8.76 -7.36
CA LYS A 78 -7.52 -8.86 -7.28
C LYS A 78 -8.18 -7.49 -7.54
N THR A 79 -7.49 -6.40 -7.12
CA THR A 79 -7.91 -5.04 -7.38
C THR A 79 -8.13 -4.85 -8.91
N ILE A 80 -7.14 -5.25 -9.71
CA ILE A 80 -7.31 -5.26 -11.17
C ILE A 80 -8.48 -6.19 -11.62
N ASP A 81 -8.56 -7.42 -11.11
CA ASP A 81 -9.75 -8.24 -11.46
C ASP A 81 -11.02 -7.44 -11.17
N PHE A 82 -11.12 -6.83 -9.99
CA PHE A 82 -12.37 -6.15 -9.65
C PHE A 82 -12.59 -4.94 -10.56
N ILE A 83 -11.51 -4.26 -10.96
CA ILE A 83 -11.64 -3.13 -11.93
C ILE A 83 -12.19 -3.66 -13.25
N LYS A 84 -11.69 -4.81 -13.71
CA LYS A 84 -12.27 -5.49 -14.89
C LYS A 84 -13.78 -5.67 -14.68
N ILE A 85 -14.19 -6.23 -13.53
CA ILE A 85 -15.64 -6.46 -13.31
C ILE A 85 -16.43 -5.16 -13.20
N LEU A 86 -15.86 -4.14 -12.56
CA LEU A 86 -16.62 -2.88 -12.47
C LEU A 86 -16.90 -2.21 -13.83
N ALA A 87 -15.98 -2.38 -14.78
CA ALA A 87 -16.06 -1.84 -16.17
C ALA A 87 -17.28 -2.29 -16.96
N ASP A 88 -17.80 -3.48 -16.73
CA ASP A 88 -19.08 -3.80 -17.44
C ASP A 88 -20.32 -3.85 -16.51
N LEU A 89 -20.24 -3.20 -15.35
CA LEU A 89 -21.47 -2.98 -14.56
C LEU A 89 -22.01 -1.59 -14.84
N ASP A 90 -23.31 -1.43 -14.66
CA ASP A 90 -23.95 -0.12 -14.63
C ASP A 90 -23.85 0.52 -13.22
N LEU A 91 -22.85 1.35 -13.00
CA LEU A 91 -22.60 1.89 -11.67
C LEU A 91 -23.31 3.20 -11.56
N LYS A 92 -23.38 3.74 -10.36
CA LYS A 92 -24.05 5.04 -10.14
C LYS A 92 -23.32 6.12 -10.93
N GLU A 93 -24.05 7.15 -11.32
CA GLU A 93 -23.50 8.18 -12.18
C GLU A 93 -22.34 8.83 -11.45
N ASP A 94 -21.13 8.73 -12.00
CA ASP A 94 -20.01 9.40 -11.31
C ASP A 94 -19.56 8.84 -9.95
N VAL A 95 -19.76 7.56 -9.72
CA VAL A 95 -19.17 6.91 -8.58
C VAL A 95 -17.67 7.31 -8.59
N ILE A 96 -17.08 7.48 -7.40
CA ILE A 96 -15.64 7.65 -7.29
C ILE A 96 -15.11 6.30 -6.88
N ILE A 97 -14.21 5.76 -7.70
CA ILE A 97 -13.56 4.48 -7.44
C ILE A 97 -12.10 4.72 -7.09
N THR A 98 -11.63 3.99 -6.09
CA THR A 98 -10.25 4.05 -5.67
C THR A 98 -9.75 2.73 -5.06
N ASP A 99 -8.43 2.59 -4.98
CA ASP A 99 -7.82 1.35 -4.56
C ASP A 99 -7.12 1.66 -3.23
N ALA A 100 -6.12 0.86 -2.90
CA ALA A 100 -5.33 1.05 -1.67
C ALA A 100 -3.97 0.32 -1.81
N GLY A 101 -3.57 0.11 -3.06
CA GLY A 101 -2.36 -0.60 -3.42
C GLY A 101 -1.07 0.04 -2.91
N SER A 102 -0.15 -0.83 -2.51
CA SER A 102 1.20 -0.40 -2.13
C SER A 102 1.99 0.15 -3.32
N THR A 103 1.58 -0.20 -4.54
CA THR A 103 2.21 0.36 -5.74
C THR A 103 1.19 1.01 -6.68
N LYS A 104 1.32 2.30 -6.90
CA LYS A 104 0.37 3.03 -7.75
C LYS A 104 0.30 2.80 -9.26
N TYR A 105 1.44 2.69 -9.94
CA TYR A 105 1.44 2.81 -11.39
C TYR A 105 0.67 1.77 -12.21
N GLU A 106 0.83 0.50 -11.88
CA GLU A 106 0.12 -0.55 -12.62
C GLU A 106 -1.39 -0.47 -12.42
N ILE A 107 -1.82 -0.23 -11.19
CA ILE A 107 -3.24 -0.15 -10.88
C ILE A 107 -3.91 1.02 -11.59
N VAL A 108 -3.25 2.17 -11.62
CA VAL A 108 -3.73 3.31 -12.38
C VAL A 108 -3.81 3.03 -13.85
N ARG A 109 -2.75 2.46 -14.45
CA ARG A 109 -2.86 2.04 -15.80
C ARG A 109 -4.05 1.14 -16.03
N ALA A 110 -4.26 0.16 -15.13
CA ALA A 110 -5.36 -0.81 -15.38
C ALA A 110 -6.70 -0.06 -15.33
N ALA A 111 -6.83 0.88 -14.39
CA ALA A 111 -8.06 1.64 -14.33
C ALA A 111 -8.30 2.41 -15.62
N GLU A 112 -7.25 3.07 -16.15
CA GLU A 112 -7.42 3.91 -17.34
C GLU A 112 -7.78 2.99 -18.52
N TYR A 113 -7.21 1.79 -18.53
CA TYR A 113 -7.42 0.87 -19.67
C TYR A 113 -8.88 0.39 -19.67
N TYR A 114 -9.38 0.03 -18.49
CA TYR A 114 -10.64 -0.68 -18.39
C TYR A 114 -11.83 0.22 -18.27
N LEU A 115 -11.65 1.38 -17.67
CA LEU A 115 -12.79 2.23 -17.27
C LEU A 115 -12.91 3.50 -18.11
N LYS A 116 -12.05 3.65 -19.11
CA LYS A 116 -12.00 4.95 -19.81
C LYS A 116 -13.34 5.41 -20.42
N ASP A 117 -14.22 4.48 -20.79
CA ASP A 117 -15.52 4.83 -21.42
C ASP A 117 -16.68 4.71 -20.49
N LYS A 118 -16.40 4.65 -19.18
CA LYS A 118 -17.47 4.65 -18.22
C LYS A 118 -17.57 6.04 -17.59
N PRO A 119 -18.80 6.49 -17.29
CA PRO A 119 -18.97 7.72 -16.54
C PRO A 119 -18.68 7.52 -15.04
N VAL A 120 -17.39 7.29 -14.73
CA VAL A 120 -16.89 7.04 -13.38
C VAL A 120 -15.72 7.98 -13.13
N GLN A 121 -15.41 8.24 -11.86
CA GLN A 121 -14.11 8.84 -11.51
C GLN A 121 -13.20 7.79 -10.88
N PHE A 122 -11.89 7.88 -11.18
CA PHE A 122 -10.92 7.05 -10.54
C PHE A 122 -9.68 7.86 -10.15
N VAL A 123 -9.16 7.56 -8.95
CA VAL A 123 -7.87 8.04 -8.51
C VAL A 123 -7.21 6.86 -7.73
N GLY A 124 -5.90 6.73 -7.88
CA GLY A 124 -5.13 5.76 -7.13
C GLY A 124 -4.96 6.25 -5.70
N SER A 125 -5.01 5.32 -4.74
CA SER A 125 -4.73 5.64 -3.32
C SER A 125 -3.72 4.65 -2.77
N HIS A 126 -2.89 5.11 -1.85
CA HIS A 126 -2.02 4.27 -1.04
C HIS A 126 -2.00 4.86 0.37
N PRO A 127 -2.79 4.26 1.28
CA PRO A 127 -2.81 4.69 2.71
C PRO A 127 -1.61 4.04 3.35
N ALA A 129 0.30 2.50 5.93
CA ALA A 129 -0.18 2.09 7.27
C ALA A 129 0.11 3.10 8.37
N SER A 134 -2.01 -10.03 10.36
CA SER A 134 -3.01 -8.98 10.44
C SER A 134 -4.25 -9.34 9.63
N GLY A 135 -5.40 -8.85 10.09
CA GLY A 135 -6.72 -9.11 9.40
C GLY A 135 -7.87 -8.20 9.98
N ALA A 136 -9.15 -8.44 9.67
CA ALA A 136 -10.26 -7.63 10.23
C ALA A 136 -10.34 -7.59 11.77
N VAL A 137 -9.53 -8.45 12.41
CA VAL A 137 -9.41 -8.55 13.89
C VAL A 137 -8.35 -7.53 14.36
N ALA A 138 -7.40 -7.25 13.47
CA ALA A 138 -6.41 -6.23 13.74
C ALA A 138 -6.92 -4.81 13.31
N ALA A 139 -8.24 -4.63 13.17
CA ALA A 139 -8.83 -3.38 12.58
C ALA A 139 -8.72 -2.26 13.60
N ASN A 140 -8.29 -1.09 13.17
CA ASN A 140 -7.93 -0.03 14.10
C ASN A 140 -8.26 1.31 13.46
N VAL A 141 -9.15 2.05 14.10
CA VAL A 141 -9.54 3.40 13.65
C VAL A 141 -8.38 4.35 13.50
N ASN A 142 -7.32 4.11 14.26
CA ASN A 142 -6.16 5.01 14.24
C ASN A 142 -4.98 4.49 13.42
N LEU A 143 -5.24 3.50 12.54
CA LEU A 143 -4.15 2.85 11.81
C LEU A 143 -3.32 3.85 11.03
N PHE A 144 -3.98 4.90 10.52
CA PHE A 144 -3.37 5.78 9.51
C PHE A 144 -3.01 7.15 10.13
N GLU A 145 -3.17 7.27 11.44
CA GLU A 145 -2.97 8.57 12.10
C GLU A 145 -1.56 9.07 11.87
N ASN A 146 -1.44 10.29 11.37
CA ASN A 146 -0.15 10.88 11.02
C ASN A 146 0.68 10.15 9.98
N ALA A 147 0.07 9.19 9.28
CA ALA A 147 0.77 8.52 8.17
C ALA A 147 0.33 9.22 6.89
N TYR A 148 1.08 9.08 5.81
CA TYR A 148 0.77 9.70 4.55
C TYR A 148 -0.31 8.85 3.85
N TYR A 149 -1.34 9.53 3.33
CA TYR A 149 -2.31 8.91 2.47
C TYR A 149 -2.07 9.49 1.08
N ILE A 150 -1.66 8.62 0.16
CA ILE A 150 -1.17 9.10 -1.11
C ILE A 150 -2.32 9.01 -2.13
N PHE A 151 -2.48 10.08 -2.93
CA PHE A 151 -3.30 10.03 -4.14
C PHE A 151 -2.42 10.13 -5.41
N SER A 152 -2.71 9.30 -6.41
CA SER A 152 -2.02 9.35 -7.68
C SER A 152 -3.08 9.55 -8.77
N PRO A 153 -3.06 10.71 -9.45
CA PRO A 153 -4.13 10.96 -10.41
C PRO A 153 -4.14 10.05 -11.62
N SER A 154 -5.32 9.91 -12.21
CA SER A 154 -5.47 9.15 -13.44
C SER A 154 -6.16 10.11 -14.44
N CYS A 155 -6.26 9.75 -15.72
CA CYS A 155 -7.00 10.54 -16.70
C CYS A 155 -8.49 10.51 -16.35
N LEU A 156 -8.89 9.69 -15.38
CA LEU A 156 -10.28 9.73 -14.87
C LEU A 156 -10.45 10.51 -13.54
N THR A 157 -9.42 11.21 -13.10
CA THR A 157 -9.57 12.02 -11.90
C THR A 157 -10.10 13.39 -12.34
N LYS A 158 -11.22 13.80 -11.76
CA LYS A 158 -11.80 15.10 -12.06
C LYS A 158 -11.36 16.05 -10.95
N PRO A 159 -11.58 17.37 -11.13
CA PRO A 159 -11.15 18.45 -10.25
C PRO A 159 -11.58 18.23 -8.80
N ASN A 160 -12.77 17.65 -8.64
CA ASN A 160 -13.36 17.35 -7.34
C ASN A 160 -13.14 15.94 -6.70
N THR A 161 -12.47 15.05 -7.45
CA THR A 161 -12.29 13.69 -6.99
C THR A 161 -11.45 13.64 -5.71
N ILE A 162 -10.24 14.24 -5.75
CA ILE A 162 -9.34 14.23 -4.58
C ILE A 162 -10.03 14.96 -3.41
N PRO A 163 -10.49 16.23 -3.63
CA PRO A 163 -11.27 16.90 -2.56
C PRO A 163 -12.39 16.05 -1.93
N ALA A 164 -13.17 15.31 -2.74
CA ALA A 164 -14.29 14.53 -2.18
C ALA A 164 -13.73 13.39 -1.33
N LEU A 165 -12.65 12.74 -1.78
CA LEU A 165 -12.08 11.70 -0.93
C LEU A 165 -11.41 12.26 0.33
N GLN A 166 -10.77 13.41 0.20
CA GLN A 166 -10.12 14.03 1.33
C GLN A 166 -11.11 14.41 2.39
N ASP A 167 -12.33 14.73 1.97
CA ASP A 167 -13.36 15.03 2.93
C ASP A 167 -13.87 13.74 3.54
N LEU A 168 -14.21 12.77 2.68
CA LEU A 168 -14.57 11.43 3.10
C LEU A 168 -13.62 10.81 4.17
N LEU A 169 -12.32 10.95 3.96
CA LEU A 169 -11.30 10.25 4.73
C LEU A 169 -10.65 11.08 5.87
N SER A 170 -11.26 12.22 6.23
CA SER A 170 -10.68 13.16 7.18
C SER A 170 -10.52 12.56 8.57
N GLY A 171 -11.37 11.58 8.86
CA GLY A 171 -11.38 10.88 10.15
C GLY A 171 -10.18 9.96 10.37
N LEU A 172 -9.40 9.70 9.32
CA LEU A 172 -8.17 8.89 9.38
C LEU A 172 -7.09 9.66 10.12
N HIS A 173 -7.22 10.99 10.09
CA HIS A 173 -6.20 11.91 10.55
C HIS A 173 -4.85 11.69 9.83
N ALA A 174 -4.90 11.43 8.52
CA ALA A 174 -3.72 11.17 7.76
C ALA A 174 -3.18 12.47 7.24
N ARG A 175 -2.00 12.41 6.61
CA ARG A 175 -1.44 13.54 5.87
C ARG A 175 -1.58 13.26 4.37
N TYR A 176 -2.41 14.04 3.69
CA TYR A 176 -2.65 13.83 2.28
C TYR A 176 -1.51 14.27 1.42
N VAL A 177 -1.21 13.51 0.37
CA VAL A 177 -0.13 13.87 -0.55
C VAL A 177 -0.57 13.42 -1.93
N GLU A 178 -0.36 14.26 -2.92
CA GLU A 178 -0.58 13.93 -4.31
C GLU A 178 0.75 13.71 -4.96
N ILE A 179 0.87 12.57 -5.62
CA ILE A 179 2.14 12.29 -6.33
C ILE A 179 1.86 11.40 -7.56
N ASP A 180 2.60 11.68 -8.63
CA ASP A 180 2.60 10.87 -9.83
C ASP A 180 2.81 9.38 -9.47
N ALA A 181 2.06 8.48 -10.09
CA ALA A 181 2.12 7.04 -9.78
C ALA A 181 3.48 6.38 -10.03
N ALA A 182 4.08 6.60 -11.19
CA ALA A 182 5.43 6.14 -11.47
C ALA A 182 6.45 6.67 -10.46
N GLU A 183 6.36 7.94 -10.14
CA GLU A 183 7.28 8.58 -9.21
C GLU A 183 7.11 7.97 -7.82
N HIS A 184 5.87 7.83 -7.38
CA HIS A 184 5.57 7.04 -6.16
C HIS A 184 6.25 5.67 -6.15
N ASP A 185 6.13 4.95 -7.26
CA ASP A 185 6.73 3.60 -7.35
C ASP A 185 8.26 3.67 -7.28
N CYS A 186 8.84 4.70 -7.88
CA CYS A 186 10.28 4.91 -7.81
C CYS A 186 10.74 5.16 -6.38
N VAL A 187 9.99 5.98 -5.65
CA VAL A 187 10.40 6.37 -4.32
C VAL A 187 10.28 5.21 -3.33
N THR A 188 9.15 4.53 -3.40
CA THR A 188 8.86 3.46 -2.48
C THR A 188 9.71 2.20 -2.76
N SER A 189 10.13 2.02 -4.01
CA SER A 189 11.16 1.04 -4.34
C SER A 189 12.43 1.23 -3.49
N GLN A 190 12.88 2.46 -3.44
CA GLN A 190 14.12 2.81 -2.79
C GLN A 190 14.04 2.75 -1.29
N ILE A 191 12.98 3.33 -0.70
CA ILE A 191 12.95 3.31 0.75
C ILE A 191 12.13 2.24 1.38
N SER A 192 11.50 1.38 0.57
CA SER A 192 10.75 0.25 1.18
C SER A 192 10.95 -1.08 0.45
N HIS A 193 10.75 -1.12 -0.88
CA HIS A 193 10.68 -2.44 -1.49
C HIS A 193 12.06 -3.09 -1.60
N PHE A 194 13.03 -2.31 -2.01
CA PHE A 194 14.39 -2.84 -2.17
C PHE A 194 14.97 -3.09 -0.74
N PRO A 195 14.77 -2.15 0.21
CA PRO A 195 15.19 -2.58 1.54
C PRO A 195 14.60 -3.92 1.99
N HIS A 196 13.34 -4.23 1.63
CA HIS A 196 12.77 -5.52 2.06
C HIS A 196 13.53 -6.71 1.40
N ILE A 197 13.90 -6.54 0.13
CA ILE A 197 14.73 -7.51 -0.60
C ILE A 197 16.03 -7.69 0.12
N ILE A 198 16.63 -6.58 0.54
CA ILE A 198 17.88 -6.74 1.17
C ILE A 198 17.76 -7.44 2.52
N ALA A 199 16.80 -7.05 3.32
CA ALA A 199 16.57 -7.67 4.61
C ALA A 199 16.30 -9.17 4.44
N SER A 200 15.54 -9.52 3.41
CA SER A 200 15.23 -10.98 3.22
C SER A 200 16.46 -11.80 2.76
N SER A 201 17.25 -11.23 1.86
CA SER A 201 18.52 -11.79 1.36
C SER A 201 19.56 -11.95 2.46
N LEU A 202 19.71 -10.89 3.28
CA LEU A 202 20.59 -10.94 4.41
C LEU A 202 20.18 -12.06 5.43
N LYS A 204 18.52 -14.80 4.90
CA LYS A 204 18.78 -16.06 4.25
C LYS A 204 20.30 -16.33 4.18
N GLN A 205 21.09 -15.31 3.88
CA GLN A 205 22.52 -15.47 3.94
C GLN A 205 22.99 -15.93 5.31
N ALA A 206 22.64 -15.13 6.33
CA ALA A 206 23.09 -15.40 7.70
C ALA A 206 22.55 -16.80 8.16
N GLY A 207 21.33 -17.12 7.75
CA GLY A 207 20.70 -18.44 8.12
C GLY A 207 21.47 -19.57 7.47
N ASP A 208 21.83 -19.43 6.18
CA ASP A 208 22.68 -20.47 5.54
C ASP A 208 24.03 -20.63 6.28
N PHE A 209 24.69 -19.49 6.55
CA PHE A 209 25.97 -19.45 7.23
C PHE A 209 25.89 -20.10 8.62
N SER A 210 24.85 -19.76 9.34
CA SER A 210 24.52 -20.33 10.63
C SER A 210 24.65 -21.85 10.69
N GLU A 211 24.20 -22.56 9.66
CA GLU A 211 24.18 -24.06 9.72
C GLU A 211 25.59 -24.63 9.85
N SER A 212 26.52 -23.88 9.35
CA SER A 212 27.92 -24.23 9.27
C SER A 212 28.81 -23.52 10.35
N HIS A 213 28.26 -22.52 11.05
CA HIS A 213 29.05 -21.72 12.02
C HIS A 213 28.17 -21.43 13.19
N GLU A 214 28.31 -22.21 14.23
CA GLU A 214 27.30 -22.24 15.26
C GLU A 214 27.13 -20.95 16.07
N THR A 216 26.96 -17.97 15.14
CA THR A 216 26.12 -17.02 14.39
C THR A 216 24.79 -16.64 15.03
N LYS A 217 24.07 -17.64 15.51
CA LYS A 217 22.76 -17.42 16.11
C LYS A 217 22.98 -16.62 17.41
N HIS A 218 24.05 -16.97 18.11
CA HIS A 218 24.25 -16.37 19.43
C HIS A 218 24.87 -14.94 19.41
N PHE A 219 25.66 -14.60 18.38
CA PHE A 219 26.41 -13.34 18.39
C PHE A 219 25.68 -12.25 17.72
N ALA A 220 24.57 -12.57 17.04
CA ALA A 220 23.79 -11.61 16.33
C ALA A 220 23.29 -10.58 17.34
N ALA A 221 23.49 -9.28 17.09
CA ALA A 221 22.98 -8.33 18.12
C ALA A 221 21.96 -7.35 17.55
N GLY A 222 21.72 -6.24 18.23
CA GLY A 222 20.72 -5.26 17.80
C GLY A 222 20.90 -4.78 16.38
N GLY A 223 22.15 -4.65 15.93
CA GLY A 223 22.41 -4.28 14.53
C GLY A 223 21.66 -5.24 13.58
N PHE A 224 21.86 -6.53 13.80
CA PHE A 224 21.45 -7.50 12.85
C PHE A 224 19.93 -7.68 12.96
N ARG A 225 19.42 -7.75 14.19
CA ARG A 225 17.97 -7.80 14.45
C ARG A 225 17.18 -6.73 13.74
N ASP A 226 17.76 -5.52 13.65
CA ASP A 226 17.09 -4.34 13.12
C ASP A 226 17.17 -4.40 11.64
N THR A 228 16.87 -7.03 9.97
CA THR A 228 16.24 -8.17 9.41
C THR A 228 14.77 -8.21 9.86
N ARG A 229 14.31 -7.24 10.66
CA ARG A 229 12.97 -7.34 11.25
C ARG A 229 11.87 -7.44 10.14
N ILE A 230 11.94 -6.58 9.15
CA ILE A 230 10.96 -6.61 8.04
C ILE A 230 10.98 -7.90 7.19
N ALA A 231 12.01 -8.76 7.33
CA ALA A 231 11.97 -10.10 6.74
C ALA A 231 10.73 -10.82 7.21
N GLU A 232 10.21 -10.40 8.35
CA GLU A 232 9.09 -11.11 8.93
C GLU A 232 7.74 -10.86 8.14
N SER A 233 7.79 -10.14 7.04
CA SER A 233 6.54 -9.66 6.46
C SER A 233 5.82 -10.74 5.64
N GLU A 234 4.57 -10.45 5.19
CA GLU A 234 3.78 -11.47 4.48
C GLU A 234 4.15 -11.60 2.99
N PRO A 235 4.49 -12.81 2.57
CA PRO A 235 5.13 -13.01 1.22
C PRO A 235 4.22 -12.75 0.01
N GLY A 236 2.92 -12.99 0.10
CA GLY A 236 1.92 -12.69 -0.95
C GLY A 236 1.97 -11.18 -1.25
N TRP A 238 4.38 -8.97 -0.59
CA TRP A 238 5.70 -8.57 -1.11
C TRP A 238 5.99 -9.01 -2.53
N THR A 239 5.49 -10.20 -2.85
CA THR A 239 5.59 -10.73 -4.19
C THR A 239 4.85 -9.88 -5.22
N SER A 240 3.62 -9.49 -4.91
CA SER A 240 2.88 -8.67 -5.90
C SER A 240 3.46 -7.25 -6.00
N ILE A 241 4.09 -6.75 -4.93
CA ILE A 241 4.77 -5.44 -5.01
C ILE A 241 5.94 -5.57 -5.96
N LEU A 242 6.76 -6.60 -5.81
CA LEU A 242 7.86 -6.79 -6.74
C LEU A 242 7.44 -6.97 -8.18
N LEU A 243 6.43 -7.81 -8.42
CA LEU A 243 5.94 -8.04 -9.77
C LEU A 243 5.19 -6.86 -10.42
N THR A 244 4.74 -5.91 -9.61
CA THR A 244 4.16 -4.69 -10.16
C THR A 244 5.11 -3.48 -10.05
N ASN A 245 6.35 -3.67 -9.59
CA ASN A 245 7.31 -2.55 -9.53
C ASN A 245 8.71 -3.03 -10.03
N GLN A 246 8.69 -3.79 -11.12
CA GLN A 246 9.90 -4.54 -11.56
C GLN A 246 11.09 -3.64 -11.91
N GLU A 247 10.85 -2.68 -12.82
CA GLU A 247 11.86 -1.75 -13.28
C GLU A 247 12.62 -0.93 -12.19
N ALA A 248 11.85 -0.25 -11.35
CA ALA A 248 12.48 0.43 -10.24
C ALA A 248 13.31 -0.51 -9.31
N VAL A 249 12.69 -1.60 -8.90
CA VAL A 249 13.39 -2.55 -8.00
C VAL A 249 14.65 -3.16 -8.66
N LEU A 250 14.54 -3.60 -9.89
CA LEU A 250 15.72 -4.08 -10.61
C LEU A 250 16.81 -3.00 -10.72
N ASP A 251 16.40 -1.75 -10.91
CA ASP A 251 17.36 -0.67 -11.02
C ASP A 251 18.10 -0.47 -9.68
N ARG A 252 17.39 -0.52 -8.56
CA ARG A 252 18.02 -0.46 -7.30
C ARG A 252 18.98 -1.61 -7.03
N ILE A 253 18.57 -2.81 -7.41
CA ILE A 253 19.41 -3.95 -7.19
C ILE A 253 20.72 -3.84 -8.00
N GLU A 254 20.63 -3.45 -9.24
CA GLU A 254 21.81 -3.29 -10.07
C GLU A 254 22.72 -2.16 -9.52
N ASN A 255 22.13 -1.06 -9.05
CA ASN A 255 22.90 0.07 -8.54
C ASN A 255 23.58 -0.35 -7.22
N PHE A 256 22.87 -1.14 -6.44
CA PHE A 256 23.44 -1.64 -5.22
C PHE A 256 24.62 -2.61 -5.44
N LYS A 257 24.55 -3.43 -6.47
CA LYS A 257 25.68 -4.29 -6.86
C LYS A 257 26.94 -3.45 -7.19
N GLN A 258 26.75 -2.38 -7.95
CA GLN A 258 27.85 -1.49 -8.30
C GLN A 258 28.42 -0.84 -7.04
N ARG A 259 27.57 -0.43 -6.09
CA ARG A 259 28.08 0.15 -4.83
C ARG A 259 28.86 -0.91 -4.07
N LEU A 260 28.42 -2.18 -4.07
CA LEU A 260 29.16 -3.21 -3.34
C LEU A 260 30.57 -3.46 -4.00
N ASP A 261 30.63 -3.38 -5.36
CA ASP A 261 31.87 -3.55 -6.09
C ASP A 261 32.85 -2.38 -5.71
N GLU A 262 32.38 -1.12 -5.67
CA GLU A 262 33.24 -0.02 -5.14
C GLU A 262 33.76 -0.38 -3.76
N VAL A 263 32.91 -0.87 -2.85
CA VAL A 263 33.36 -1.12 -1.49
C VAL A 263 34.34 -2.27 -1.52
N SER A 264 34.05 -3.29 -2.32
CA SER A 264 34.93 -4.45 -2.40
C SER A 264 36.33 -4.08 -2.94
N ASN A 265 36.36 -3.27 -3.99
CA ASN A 265 37.64 -2.68 -4.50
C ASN A 265 38.40 -1.91 -3.47
N LEU A 266 37.69 -1.12 -2.66
CA LEU A 266 38.44 -0.39 -1.60
C LEU A 266 39.11 -1.32 -0.59
N ILE A 267 38.38 -2.36 -0.15
CA ILE A 267 38.92 -3.33 0.77
C ILE A 267 40.15 -4.04 0.15
N LYS A 268 40.03 -4.46 -1.10
CA LYS A 268 41.14 -5.19 -1.78
C LYS A 268 42.32 -4.27 -1.86
N ALA A 269 42.11 -3.01 -2.18
CA ALA A 269 43.24 -2.06 -2.21
C ALA A 269 43.77 -1.68 -0.80
N ARG A 270 43.12 -2.15 0.31
CA ARG A 270 43.48 -1.64 1.67
C ARG A 270 43.52 -0.12 1.70
N ASP A 271 42.54 0.50 1.04
CA ASP A 271 42.52 1.97 0.96
C ASP A 271 41.83 2.54 2.19
N GLU A 272 42.62 2.81 3.22
CA GLU A 272 42.09 3.14 4.49
C GLU A 272 41.36 4.50 4.47
N ASN A 273 41.96 5.50 3.85
CA ASN A 273 41.32 6.82 3.77
C ASN A 273 39.98 6.81 3.02
N ALA A 274 39.88 6.00 1.94
CA ALA A 274 38.66 5.92 1.14
C ALA A 274 37.60 5.14 1.90
N ILE A 275 38.04 4.17 2.68
CA ILE A 275 37.07 3.35 3.40
C ILE A 275 36.50 4.20 4.55
N TRP A 276 37.34 4.97 5.21
CA TRP A 276 36.93 5.90 6.22
C TRP A 276 35.90 6.84 5.62
N ALA A 277 36.25 7.48 4.47
CA ALA A 277 35.36 8.50 3.84
C ALA A 277 34.03 7.82 3.53
N PHE A 278 34.09 6.55 3.15
CA PHE A 278 32.86 5.82 2.86
C PHE A 278 31.96 5.69 4.08
N PHE A 279 32.52 5.33 5.24
CA PHE A 279 31.73 5.29 6.47
C PHE A 279 31.28 6.68 7.00
N ASN A 280 32.15 7.68 6.92
CA ASN A 280 31.82 9.00 7.41
C ASN A 280 30.73 9.72 6.64
N GLN A 281 30.80 9.63 5.33
CA GLN A 281 29.84 10.26 4.48
C GLN A 281 28.39 9.75 4.66
N SER A 282 28.24 8.45 4.77
CA SER A 282 26.97 7.81 5.10
C SER A 282 26.38 8.14 6.47
N ARG A 283 27.27 8.20 7.44
CA ARG A 283 26.93 8.66 8.78
C ARG A 283 26.37 10.06 8.69
N GLN A 284 27.00 10.90 7.87
CA GLN A 284 26.59 12.33 7.81
C GLN A 284 25.21 12.40 7.18
N ILE A 285 24.98 11.62 6.12
CA ILE A 285 23.73 11.58 5.32
C ILE A 285 22.54 11.20 6.17
N ARG A 286 22.73 10.13 6.93
CA ARG A 286 21.77 9.67 7.92
C ARG A 286 21.33 10.86 8.81
N LYS A 287 22.27 11.41 9.56
CA LYS A 287 22.04 12.68 10.28
C LYS A 287 21.37 13.78 9.44
N ASN A 288 21.68 13.89 8.15
CA ASN A 288 21.04 14.93 7.30
C ASN A 288 19.66 14.67 6.71
N GLU A 290 15.88 13.97 7.86
CA GLU A 290 15.35 14.53 9.13
C GLU A 290 15.59 16.05 9.13
#